data_2V9Y
#
_entry.id   2V9Y
#
_cell.length_a   80.670
_cell.length_b   80.990
_cell.length_c   98.330
_cell.angle_alpha   90.00
_cell.angle_beta   90.00
_cell.angle_gamma   90.00
#
_symmetry.space_group_name_H-M   'P 21 21 2'
#
loop_
_entity.id
_entity.type
_entity.pdbx_description
1 polymer 'PHOSPHORIBOSYLFORMYLGLYCINAMIDINE CYCLO-LIGASE'
2 non-polymer 'SULFATE ION'
3 water water
#
_entity_poly.entity_id   1
_entity_poly.type   'polypeptide(L)'
_entity_poly.pdbx_seq_one_letter_code
;HHHHHHKVDLGGFAGLFDLKAAGFKDPLLASGTDGVGTKLKIAQLCNKHDTIGQDLVAMCVNDILAQGAEPLFFLDYFSC
GKLDLSVTEAVVAGIAKACGKAGCALLGGETAEMPDMYPPGEYDLAGFAVGAMERDQKLPHLERITEGDVVVGIASSGLH
SNGFSLVRKIVAKSSLQYSSPAPDGCGDQTLGDLLLTPTRIYSHSLLPVLRSGHVKAFAHITGGGLLENIPRVLPEKLGV
DLDAQTWRIPRVFSWLQQEGHLSEEEMARTFNCGVGAVLVVSKEQTEQILRGIQQHKEEAWVIGSVVARAEGSPRVKVKN
LIESMQINGSVLKN
;
_entity_poly.pdbx_strand_id   A,B
#
loop_
_chem_comp.id
_chem_comp.type
_chem_comp.name
_chem_comp.formula
SO4 non-polymer 'SULFATE ION' 'O4 S -2'
#
# COMPACT_ATOMS: atom_id res chain seq x y z
N GLY A 15 17.85 -24.63 2.71
CA GLY A 15 17.03 -24.10 3.83
C GLY A 15 15.55 -24.50 3.72
N LEU A 16 14.86 -24.37 4.85
CA LEU A 16 13.41 -24.59 4.95
C LEU A 16 12.71 -23.25 5.00
N PHE A 17 11.58 -23.11 4.32
CA PHE A 17 10.87 -21.85 4.32
C PHE A 17 9.77 -21.78 5.38
N ASP A 18 9.74 -20.67 6.13
CA ASP A 18 8.84 -20.48 7.25
C ASP A 18 7.76 -19.48 6.80
N LEU A 19 6.59 -20.01 6.39
CA LEU A 19 5.50 -19.15 5.88
C LEU A 19 4.96 -18.21 6.95
N LYS A 20 4.97 -18.67 8.19
CA LYS A 20 4.48 -17.86 9.33
C LYS A 20 5.36 -16.62 9.52
N ALA A 21 6.67 -16.85 9.67
CA ALA A 21 7.65 -15.77 9.77
C ALA A 21 7.51 -14.80 8.61
N ALA A 22 7.22 -15.33 7.41
CA ALA A 22 6.93 -14.52 6.23
C ALA A 22 5.62 -13.74 6.28
N GLY A 23 4.74 -14.07 7.23
CA GLY A 23 3.55 -13.25 7.48
C GLY A 23 2.29 -13.65 6.72
N PHE A 24 2.22 -14.87 6.22
CA PHE A 24 1.00 -15.36 5.58
C PHE A 24 -0.01 -15.87 6.62
N LYS A 25 -1.28 -15.50 6.43
CA LYS A 25 -2.34 -15.98 7.31
C LYS A 25 -2.90 -17.30 6.75
N ASP A 26 -3.31 -17.25 5.48
CA ASP A 26 -3.95 -18.38 4.81
C ASP A 26 -3.44 -18.49 3.36
N PRO A 27 -2.20 -19.01 3.18
CA PRO A 27 -1.59 -18.92 1.83
C PRO A 27 -2.04 -20.03 0.89
N LEU A 28 -2.12 -19.71 -0.41
CA LEU A 28 -2.04 -20.73 -1.46
C LEU A 28 -0.64 -20.66 -2.02
N LEU A 29 -0.12 -21.79 -2.48
CA LEU A 29 1.23 -21.83 -3.08
C LEU A 29 1.15 -21.96 -4.60
N ALA A 30 1.88 -21.08 -5.29
CA ALA A 30 2.06 -21.18 -6.74
C ALA A 30 3.48 -21.63 -7.05
N SER A 31 3.63 -22.42 -8.11
CA SER A 31 4.95 -22.85 -8.52
C SER A 31 5.06 -22.94 -10.04
N GLY A 32 6.29 -22.87 -10.51
CA GLY A 32 6.54 -22.99 -11.94
C GLY A 32 7.99 -23.28 -12.18
N THR A 33 8.22 -23.90 -13.33
CA THR A 33 9.57 -24.18 -13.80
C THR A 33 9.71 -23.52 -15.15
N ASP A 34 10.91 -23.03 -15.41
CA ASP A 34 11.24 -22.43 -16.68
C ASP A 34 12.71 -22.59 -17.00
N GLY A 35 13.02 -22.29 -18.25
CA GLY A 35 14.38 -22.35 -18.76
C GLY A 35 14.68 -21.12 -19.60
N VAL A 36 15.96 -20.89 -19.89
CA VAL A 36 16.39 -19.75 -20.72
C VAL A 36 16.26 -20.04 -22.24
N GLY A 37 16.17 -21.31 -22.63
CA GLY A 37 16.12 -21.69 -24.08
C GLY A 37 17.50 -21.53 -24.74
N THR A 38 17.54 -21.35 -26.06
CA THR A 38 18.85 -21.22 -26.74
C THR A 38 19.51 -19.84 -26.68
N LYS A 39 18.93 -18.94 -25.89
CA LYS A 39 19.63 -17.74 -25.44
C LYS A 39 20.99 -18.12 -24.82
N LEU A 40 21.03 -19.25 -24.11
CA LEU A 40 22.29 -19.79 -23.51
C LEU A 40 23.36 -20.05 -24.54
N LYS A 41 22.98 -20.41 -25.77
CA LYS A 41 23.96 -20.66 -26.83
C LYS A 41 24.74 -19.38 -27.18
N ILE A 42 24.04 -18.25 -27.22
CA ILE A 42 24.67 -16.92 -27.43
C ILE A 42 25.58 -16.55 -26.26
N ALA A 43 25.11 -16.74 -25.03
CA ALA A 43 25.98 -16.59 -23.88
C ALA A 43 27.27 -17.42 -24.00
N GLN A 44 27.13 -18.69 -24.42
CA GLN A 44 28.28 -19.60 -24.58
C GLN A 44 29.21 -19.19 -25.76
N LEU A 45 28.62 -18.86 -26.92
CA LEU A 45 29.38 -18.34 -28.08
C LEU A 45 30.21 -17.07 -27.74
N CYS A 46 29.61 -16.09 -27.04
CA CYS A 46 30.26 -14.82 -26.73
C CYS A 46 31.06 -14.81 -25.44
N ASN A 47 31.02 -15.92 -24.68
CA ASN A 47 31.58 -15.96 -23.32
C ASN A 47 31.08 -14.80 -22.49
N LYS A 48 29.75 -14.61 -22.47
CA LYS A 48 29.09 -13.53 -21.71
C LYS A 48 27.93 -14.08 -20.85
N HIS A 49 28.24 -14.45 -19.60
CA HIS A 49 27.38 -15.32 -18.76
C HIS A 49 26.83 -14.60 -17.51
N ASP A 50 27.21 -13.35 -17.33
CA ASP A 50 26.92 -12.59 -16.12
C ASP A 50 25.42 -12.40 -15.85
N THR A 51 24.61 -12.30 -16.91
CA THR A 51 23.19 -11.98 -16.76
C THR A 51 22.23 -13.11 -17.20
N ILE A 52 22.77 -14.24 -17.63
CA ILE A 52 21.93 -15.38 -17.95
C ILE A 52 21.12 -15.90 -16.72
N GLY A 53 21.65 -15.69 -15.51
CA GLY A 53 20.98 -16.02 -14.27
C GLY A 53 19.78 -15.14 -14.03
N GLN A 54 19.88 -13.87 -14.44
CA GLN A 54 18.71 -12.99 -14.44
C GLN A 54 17.61 -13.45 -15.41
N ASP A 55 17.96 -13.86 -16.63
CA ASP A 55 16.94 -14.45 -17.51
C ASP A 55 16.20 -15.60 -16.81
N LEU A 56 16.96 -16.52 -16.21
CA LEU A 56 16.39 -17.73 -15.59
C LEU A 56 15.45 -17.36 -14.46
N VAL A 57 15.95 -16.60 -13.49
CA VAL A 57 15.13 -16.16 -12.35
C VAL A 57 13.91 -15.30 -12.78
N ALA A 58 14.13 -14.35 -13.68
CA ALA A 58 13.02 -13.50 -14.18
C ALA A 58 11.90 -14.34 -14.80
N MET A 59 12.26 -15.29 -15.66
CA MET A 59 11.28 -16.19 -16.28
C MET A 59 10.44 -16.89 -15.23
N CYS A 60 11.07 -17.46 -14.19
CA CYS A 60 10.32 -18.19 -13.15
C CYS A 60 9.45 -17.28 -12.27
N VAL A 61 10.01 -16.15 -11.83
CA VAL A 61 9.24 -15.28 -10.93
C VAL A 61 8.09 -14.53 -11.62
N ASN A 62 8.28 -14.18 -12.89
CA ASN A 62 7.27 -13.45 -13.66
C ASN A 62 6.10 -14.38 -13.95
N ASP A 63 6.43 -15.67 -14.11
CA ASP A 63 5.45 -16.73 -14.31
C ASP A 63 4.55 -16.96 -13.11
N ILE A 64 5.09 -16.94 -11.91
CA ILE A 64 4.22 -17.11 -10.75
C ILE A 64 3.50 -15.81 -10.36
N LEU A 65 4.13 -14.66 -10.62
CA LEU A 65 3.48 -13.35 -10.50
C LEU A 65 2.14 -13.35 -11.22
N ALA A 66 2.07 -14.06 -12.36
CA ALA A 66 0.87 -14.17 -13.19
C ALA A 66 -0.34 -14.79 -12.48
N GLN A 67 -0.04 -15.65 -11.49
CA GLN A 67 -1.07 -16.32 -10.71
C GLN A 67 -1.45 -15.47 -9.49
N GLY A 68 -0.75 -14.36 -9.30
CA GLY A 68 -1.04 -13.44 -8.20
C GLY A 68 -0.11 -13.62 -7.02
N ALA A 69 0.90 -14.48 -7.18
CA ALA A 69 1.79 -14.86 -6.08
C ALA A 69 3.01 -13.96 -5.94
N GLU A 70 3.40 -13.75 -4.69
CA GLU A 70 4.68 -13.17 -4.31
C GLU A 70 5.75 -14.26 -4.28
N PRO A 71 6.85 -14.11 -5.07
CA PRO A 71 7.90 -15.12 -5.07
C PRO A 71 8.54 -15.26 -3.69
N LEU A 72 8.67 -16.50 -3.21
CA LEU A 72 9.27 -16.73 -1.90
C LEU A 72 10.71 -17.23 -2.05
N PHE A 73 10.90 -18.16 -2.96
CA PHE A 73 12.19 -18.84 -3.08
C PHE A 73 12.37 -19.49 -4.43
N PHE A 74 13.64 -19.76 -4.74
CA PHE A 74 14.04 -20.19 -6.07
C PHE A 74 15.11 -21.31 -5.93
N LEU A 75 15.08 -22.27 -6.84
CA LEU A 75 16.10 -23.32 -6.94
C LEU A 75 16.46 -23.48 -8.42
N ASP A 76 17.72 -23.79 -8.70
CA ASP A 76 18.12 -24.07 -10.09
C ASP A 76 18.81 -25.44 -10.22
N TYR A 77 18.63 -26.06 -11.38
CA TYR A 77 19.44 -27.22 -11.77
C TYR A 77 20.29 -26.81 -12.99
N PHE A 78 21.61 -26.86 -12.78
CA PHE A 78 22.64 -26.37 -13.68
C PHE A 78 23.39 -27.60 -14.20
N SER A 79 23.05 -28.04 -15.42
CA SER A 79 23.73 -29.22 -15.96
C SER A 79 24.70 -28.83 -17.05
N CYS A 80 25.89 -29.44 -17.06
CA CYS A 80 26.93 -28.88 -17.92
C CYS A 80 27.95 -29.87 -18.42
N GLY A 81 28.55 -29.55 -19.58
CA GLY A 81 29.79 -30.20 -19.98
C GLY A 81 30.93 -29.65 -19.13
N LYS A 82 32.18 -29.93 -19.51
CA LYS A 82 33.34 -29.23 -18.93
C LYS A 82 33.32 -27.74 -19.26
N LEU A 83 33.30 -26.93 -18.21
CA LEU A 83 33.20 -25.48 -18.33
C LEU A 83 34.43 -24.86 -17.69
N ASP A 84 34.80 -23.67 -18.14
CA ASP A 84 35.83 -22.90 -17.47
C ASP A 84 35.37 -22.64 -16.02
N LEU A 85 36.30 -22.51 -15.08
CA LEU A 85 35.93 -22.17 -13.71
C LEU A 85 35.22 -20.83 -13.70
N SER A 86 35.72 -19.91 -14.53
CA SER A 86 35.19 -18.55 -14.56
C SER A 86 33.80 -18.49 -15.15
N VAL A 87 33.45 -19.43 -16.04
CA VAL A 87 32.09 -19.52 -16.58
C VAL A 87 31.09 -20.10 -15.53
N THR A 88 31.45 -21.21 -14.90
CA THR A 88 30.63 -21.78 -13.80
C THR A 88 30.27 -20.73 -12.75
N GLU A 89 31.28 -19.97 -12.29
CA GLU A 89 31.12 -18.91 -11.27
C GLU A 89 30.23 -17.76 -11.67
N ALA A 90 30.42 -17.30 -12.91
CA ALA A 90 29.64 -16.19 -13.49
C ALA A 90 28.17 -16.56 -13.66
N VAL A 91 27.88 -17.79 -14.10
CA VAL A 91 26.50 -18.29 -14.10
C VAL A 91 25.85 -18.23 -12.73
N VAL A 92 26.51 -18.82 -11.74
CA VAL A 92 25.97 -18.96 -10.41
C VAL A 92 25.82 -17.61 -9.70
N ALA A 93 26.80 -16.72 -9.87
CA ALA A 93 26.75 -15.39 -9.25
C ALA A 93 25.57 -14.56 -9.80
N GLY A 94 25.33 -14.64 -11.11
CA GLY A 94 24.18 -13.95 -11.77
C GLY A 94 22.80 -14.43 -11.29
N ILE A 95 22.67 -15.73 -11.06
CA ILE A 95 21.50 -16.30 -10.37
C ILE A 95 21.30 -15.72 -8.95
N ALA A 96 22.33 -15.77 -8.11
CA ALA A 96 22.30 -15.12 -6.78
C ALA A 96 21.90 -13.65 -6.89
N LYS A 97 22.49 -12.94 -7.83
CA LYS A 97 22.23 -11.52 -8.02
C LYS A 97 20.75 -11.28 -8.40
N ALA A 98 20.26 -12.06 -9.36
CA ALA A 98 18.88 -11.94 -9.78
C ALA A 98 17.86 -12.22 -8.66
N CYS A 99 18.14 -13.22 -7.81
CA CYS A 99 17.30 -13.54 -6.67
C CYS A 99 17.17 -12.36 -5.71
N GLY A 100 18.31 -11.72 -5.39
CA GLY A 100 18.29 -10.45 -4.62
C GLY A 100 17.40 -9.38 -5.26
N LYS A 101 17.58 -9.15 -6.56
CA LYS A 101 16.74 -8.19 -7.30
C LYS A 101 15.23 -8.47 -7.26
N ALA A 102 14.87 -9.73 -7.45
CA ALA A 102 13.46 -10.21 -7.47
C ALA A 102 12.84 -10.17 -6.08
N GLY A 103 13.70 -10.15 -5.07
CA GLY A 103 13.29 -10.15 -3.69
C GLY A 103 12.96 -11.53 -3.17
N CYS A 104 13.50 -12.58 -3.81
CA CYS A 104 13.28 -13.95 -3.32
C CYS A 104 14.56 -14.65 -2.88
N ALA A 105 14.44 -15.64 -2.00
CA ALA A 105 15.56 -16.39 -1.49
C ALA A 105 16.03 -17.44 -2.49
N LEU A 106 17.35 -17.52 -2.66
CA LEU A 106 17.96 -18.63 -3.34
C LEU A 106 18.06 -19.80 -2.34
N LEU A 107 17.17 -20.78 -2.45
CA LEU A 107 17.11 -21.82 -1.42
C LEU A 107 17.87 -23.08 -1.74
N GLY A 108 18.52 -23.13 -2.89
CA GLY A 108 19.15 -24.37 -3.25
C GLY A 108 19.41 -24.49 -4.72
N GLY A 109 20.18 -25.48 -5.07
CA GLY A 109 20.62 -25.60 -6.44
C GLY A 109 21.45 -26.81 -6.60
N GLU A 110 21.68 -27.18 -7.85
CA GLU A 110 22.61 -28.26 -8.11
C GLU A 110 23.33 -27.97 -9.41
N THR A 111 24.64 -28.19 -9.40
CA THR A 111 25.46 -28.17 -10.60
C THR A 111 25.87 -29.60 -10.92
N ALA A 112 25.53 -30.10 -12.10
CA ALA A 112 25.81 -31.48 -12.42
C ALA A 112 26.63 -31.52 -13.71
N GLU A 113 27.93 -31.82 -13.54
CA GLU A 113 28.83 -31.88 -14.67
C GLU A 113 28.73 -33.25 -15.29
N MET A 114 28.39 -33.29 -16.58
CA MET A 114 28.23 -34.53 -17.29
C MET A 114 28.79 -34.39 -18.71
N PRO A 115 30.13 -34.61 -18.89
CA PRO A 115 30.80 -34.54 -20.19
C PRO A 115 30.20 -35.40 -21.30
N ASP A 116 29.55 -36.51 -20.95
CA ASP A 116 28.96 -37.38 -21.98
C ASP A 116 27.61 -36.90 -22.46
N MET A 117 27.10 -35.85 -21.83
CA MET A 117 25.80 -35.35 -22.15
C MET A 117 25.87 -34.03 -22.93
N TYR A 118 26.97 -33.28 -22.71
CA TYR A 118 27.15 -31.93 -23.23
C TYR A 118 28.59 -31.78 -23.73
N PRO A 119 28.79 -31.09 -24.88
CA PRO A 119 30.14 -30.81 -25.35
C PRO A 119 30.82 -29.72 -24.46
N PRO A 120 32.17 -29.62 -24.48
CA PRO A 120 32.87 -28.60 -23.73
C PRO A 120 32.26 -27.21 -23.92
N GLY A 121 32.04 -26.48 -22.82
CA GLY A 121 31.51 -25.13 -22.93
C GLY A 121 29.99 -24.99 -23.02
N GLU A 122 29.29 -26.11 -23.12
CA GLU A 122 27.82 -26.05 -23.18
C GLU A 122 27.22 -26.48 -21.86
N TYR A 123 26.15 -25.77 -21.47
CA TYR A 123 25.39 -26.08 -20.28
C TYR A 123 23.91 -25.78 -20.52
N ASP A 124 23.07 -26.36 -19.67
CA ASP A 124 21.65 -26.02 -19.64
C ASP A 124 21.25 -25.59 -18.23
N LEU A 125 20.17 -24.83 -18.14
CA LEU A 125 19.60 -24.33 -16.89
C LEU A 125 18.10 -24.65 -16.77
N ALA A 126 17.70 -25.14 -15.61
CA ALA A 126 16.28 -25.28 -15.27
C ALA A 126 16.07 -24.48 -13.98
N GLY A 127 15.03 -23.68 -13.92
CA GLY A 127 14.77 -22.92 -12.71
C GLY A 127 13.42 -23.32 -12.14
N PHE A 128 13.27 -23.13 -10.84
CA PHE A 128 12.03 -23.45 -10.14
CA PHE A 128 12.02 -23.42 -10.16
C PHE A 128 11.82 -22.34 -9.12
N ALA A 129 10.61 -21.77 -9.10
CA ALA A 129 10.27 -20.75 -8.10
C ALA A 129 8.95 -21.11 -7.39
N VAL A 130 8.88 -20.80 -6.10
CA VAL A 130 7.65 -21.00 -5.36
C VAL A 130 7.21 -19.66 -4.78
N GLY A 131 5.92 -19.39 -4.89
CA GLY A 131 5.32 -18.17 -4.37
C GLY A 131 4.08 -18.46 -3.58
N ALA A 132 3.51 -17.40 -3.01
CA ALA A 132 2.35 -17.53 -2.12
C ALA A 132 1.55 -16.25 -2.17
N MET A 133 0.26 -16.39 -1.92
CA MET A 133 -0.62 -15.25 -1.76
C MET A 133 -1.79 -15.72 -0.92
N GLU A 134 -2.58 -14.77 -0.44
CA GLU A 134 -3.85 -15.06 0.21
C GLU A 134 -4.83 -15.71 -0.75
N ARG A 135 -5.73 -16.53 -0.21
CA ARG A 135 -6.76 -17.17 -1.01
C ARG A 135 -7.52 -16.17 -1.90
N ASP A 136 -7.86 -14.97 -1.37
CA ASP A 136 -8.54 -13.90 -2.16
C ASP A 136 -7.66 -13.09 -3.13
N GLN A 137 -6.34 -13.14 -2.90
CA GLN A 137 -5.36 -12.44 -3.76
C GLN A 137 -5.03 -13.18 -5.06
N LYS A 138 -5.68 -14.31 -5.30
CA LYS A 138 -5.36 -15.14 -6.47
C LYS A 138 -5.77 -14.49 -7.82
N LEU A 139 -5.02 -14.78 -8.89
CA LEU A 139 -5.37 -14.36 -10.27
C LEU A 139 -5.28 -15.53 -11.25
N PRO A 140 -5.98 -15.45 -12.42
CA PRO A 140 -6.94 -14.48 -12.91
C PRO A 140 -8.35 -14.57 -12.29
N HIS A 141 -9.10 -13.48 -12.44
CA HIS A 141 -10.49 -13.43 -12.06
C HIS A 141 -11.31 -13.45 -13.33
N LEU A 142 -11.34 -14.61 -13.97
CA LEU A 142 -12.02 -14.79 -15.25
C LEU A 142 -13.47 -14.30 -15.30
N GLU A 143 -14.24 -14.48 -14.23
CA GLU A 143 -15.63 -14.02 -14.15
C GLU A 143 -15.75 -12.52 -14.34
N ARG A 144 -14.69 -11.79 -14.00
CA ARG A 144 -14.77 -10.32 -14.02
C ARG A 144 -14.50 -9.73 -15.40
N ILE A 145 -13.95 -10.54 -16.30
CA ILE A 145 -13.49 -10.03 -17.60
C ILE A 145 -14.63 -9.98 -18.62
N THR A 146 -14.78 -8.83 -19.26
CA THR A 146 -15.91 -8.54 -20.16
C THR A 146 -15.43 -7.79 -21.43
N GLU A 147 -16.23 -7.82 -22.50
CA GLU A 147 -15.97 -7.03 -23.71
C GLU A 147 -15.85 -5.54 -23.32
N GLY A 148 -14.84 -4.86 -23.87
CA GLY A 148 -14.63 -3.45 -23.54
C GLY A 148 -13.61 -3.20 -22.43
N ASP A 149 -13.21 -4.28 -21.75
CA ASP A 149 -12.08 -4.19 -20.78
C ASP A 149 -10.81 -3.79 -21.52
N VAL A 150 -9.87 -3.20 -20.77
CA VAL A 150 -8.68 -2.61 -21.35
C VAL A 150 -7.50 -3.57 -21.20
N VAL A 151 -6.66 -3.59 -22.23
CA VAL A 151 -5.40 -4.33 -22.20
C VAL A 151 -4.24 -3.33 -22.01
N VAL A 152 -3.59 -3.45 -20.85
CA VAL A 152 -2.36 -2.67 -20.56
C VAL A 152 -1.10 -3.50 -20.87
N GLY A 153 -0.18 -2.95 -21.68
CA GLY A 153 1.09 -3.62 -21.96
C GLY A 153 2.25 -3.04 -21.18
N ILE A 154 3.03 -3.90 -20.55
CA ILE A 154 4.22 -3.47 -19.81
C ILE A 154 5.40 -3.69 -20.74
N ALA A 155 6.28 -2.68 -20.85
CA ALA A 155 7.51 -2.78 -21.62
C ALA A 155 8.45 -3.94 -21.22
N SER A 156 8.93 -4.64 -22.24
CA SER A 156 10.03 -5.58 -22.08
C SER A 156 11.35 -4.80 -22.17
N SER A 157 12.46 -5.43 -21.79
CA SER A 157 13.80 -4.86 -21.99
C SER A 157 14.35 -5.18 -23.39
N GLY A 158 13.59 -5.94 -24.16
CA GLY A 158 14.07 -6.47 -25.44
C GLY A 158 13.52 -7.87 -25.68
N LEU A 159 14.36 -8.76 -26.21
CA LEU A 159 13.93 -10.13 -26.55
C LEU A 159 13.48 -10.98 -25.36
N HIS A 160 13.92 -10.59 -24.16
CA HIS A 160 13.77 -11.45 -22.97
C HIS A 160 14.42 -12.81 -23.29
N SER A 161 13.68 -13.92 -23.18
CA SER A 161 14.27 -15.24 -23.29
C SER A 161 13.57 -16.16 -24.24
N ASN A 162 12.85 -15.61 -25.22
CA ASN A 162 12.14 -16.45 -26.17
C ASN A 162 12.34 -15.98 -27.61
N GLY A 163 12.31 -16.94 -28.56
CA GLY A 163 12.56 -16.67 -29.97
C GLY A 163 14.03 -16.80 -30.42
N PHE A 164 14.88 -17.38 -29.57
CA PHE A 164 16.33 -17.37 -29.80
C PHE A 164 16.84 -18.39 -30.81
N SER A 165 16.04 -19.41 -31.09
CA SER A 165 16.34 -20.31 -32.21
C SER A 165 16.26 -19.53 -33.53
N LEU A 166 15.22 -18.71 -33.69
CA LEU A 166 15.10 -17.82 -34.85
C LEU A 166 16.19 -16.73 -34.86
N VAL A 167 16.45 -16.10 -33.71
CA VAL A 167 17.55 -15.09 -33.57
C VAL A 167 18.87 -15.63 -34.10
N ARG A 168 19.31 -16.77 -33.56
CA ARG A 168 20.58 -17.40 -33.92
C ARG A 168 20.63 -17.80 -35.40
N LYS A 169 19.50 -18.19 -35.99
CA LYS A 169 19.46 -18.48 -37.42
C LYS A 169 19.67 -17.21 -38.25
N ILE A 170 19.07 -16.11 -37.80
CA ILE A 170 19.15 -14.85 -38.52
C ILE A 170 20.59 -14.30 -38.44
N VAL A 171 21.16 -14.24 -37.24
CA VAL A 171 22.57 -13.81 -37.08
C VAL A 171 23.54 -14.61 -37.95
N ALA A 172 23.38 -15.93 -37.98
CA ALA A 172 24.19 -16.87 -38.79
C ALA A 172 24.25 -16.58 -40.28
N LYS A 173 23.19 -15.97 -40.82
CA LYS A 173 23.18 -15.57 -42.23
C LYS A 173 23.31 -14.06 -42.45
N SER A 174 23.45 -13.29 -41.37
CA SER A 174 23.45 -11.83 -41.52
C SER A 174 24.83 -11.27 -41.83
N SER A 175 24.86 -9.99 -42.18
CA SER A 175 26.10 -9.28 -42.43
C SER A 175 26.77 -8.85 -41.11
N LEU A 176 26.10 -9.12 -39.99
CA LEU A 176 26.68 -8.87 -38.67
C LEU A 176 26.97 -10.15 -37.93
N GLN A 177 28.06 -10.11 -37.18
CA GLN A 177 28.48 -11.19 -36.29
C GLN A 177 28.13 -10.73 -34.87
N TYR A 178 28.13 -11.63 -33.89
CA TYR A 178 27.87 -11.23 -32.48
C TYR A 178 28.86 -10.15 -31.98
N SER A 179 30.08 -10.18 -32.48
CA SER A 179 31.12 -9.20 -32.11
C SER A 179 30.98 -7.84 -32.83
N SER A 180 30.18 -7.77 -33.89
CA SER A 180 29.98 -6.51 -34.64
C SER A 180 29.35 -5.44 -33.74
N PRO A 181 29.59 -4.14 -34.04
CA PRO A 181 28.78 -3.11 -33.39
C PRO A 181 27.27 -3.44 -33.54
N ALA A 182 26.48 -3.17 -32.49
CA ALA A 182 25.03 -3.35 -32.54
C ALA A 182 24.49 -2.39 -33.58
N PRO A 183 23.42 -2.80 -34.30
CA PRO A 183 22.86 -1.95 -35.37
C PRO A 183 22.44 -0.54 -34.90
N ASP A 184 22.26 0.40 -35.86
CA ASP A 184 21.80 1.77 -35.55
C ASP A 184 20.71 1.78 -34.48
N GLY A 185 20.92 2.53 -33.41
CA GLY A 185 19.89 2.73 -32.39
C GLY A 185 19.72 1.59 -31.40
N CYS A 186 20.81 0.85 -31.17
CA CYS A 186 20.81 -0.28 -30.23
C CYS A 186 21.92 -0.23 -29.20
N GLY A 187 22.43 0.97 -28.95
CA GLY A 187 23.41 1.24 -27.90
C GLY A 187 24.85 1.16 -28.39
N ASP A 188 25.79 1.59 -27.53
CA ASP A 188 27.22 1.45 -27.77
C ASP A 188 27.69 0.13 -27.17
N GLN A 189 27.33 -0.97 -27.85
CA GLN A 189 27.59 -2.33 -27.40
C GLN A 189 27.69 -3.22 -28.64
N THR A 190 28.11 -4.48 -28.49
CA THR A 190 28.10 -5.40 -29.64
C THR A 190 26.68 -5.94 -29.88
N LEU A 191 26.49 -6.61 -31.03
CA LEU A 191 25.26 -7.34 -31.30
C LEU A 191 25.00 -8.43 -30.23
N GLY A 192 26.05 -9.15 -29.84
CA GLY A 192 25.92 -10.14 -28.75
C GLY A 192 25.37 -9.51 -27.47
N ASP A 193 25.91 -8.35 -27.07
CA ASP A 193 25.45 -7.66 -25.84
C ASP A 193 23.98 -7.30 -25.90
N LEU A 194 23.57 -6.73 -27.04
CA LEU A 194 22.18 -6.40 -27.32
C LEU A 194 21.25 -7.62 -27.22
N LEU A 195 21.59 -8.68 -27.92
CA LEU A 195 20.82 -9.91 -27.89
C LEU A 195 20.79 -10.54 -26.48
N LEU A 196 21.83 -10.31 -25.69
CA LEU A 196 21.88 -10.88 -24.35
C LEU A 196 21.19 -10.03 -23.26
N THR A 197 20.68 -8.84 -23.63
CA THR A 197 20.00 -7.97 -22.67
C THR A 197 19.08 -8.83 -21.81
N PRO A 198 19.30 -8.84 -20.47
CA PRO A 198 18.48 -9.73 -19.62
C PRO A 198 16.99 -9.39 -19.53
N THR A 199 16.17 -10.43 -19.40
CA THR A 199 14.74 -10.34 -19.14
C THR A 199 14.46 -9.46 -17.93
N ARG A 200 13.52 -8.54 -18.08
CA ARG A 200 13.05 -7.74 -16.95
C ARG A 200 12.37 -8.57 -15.88
N ILE A 201 12.72 -8.31 -14.63
CA ILE A 201 12.04 -8.92 -13.48
C ILE A 201 10.83 -8.00 -13.10
N TYR A 202 9.60 -8.53 -13.13
CA TYR A 202 8.41 -7.69 -12.82
C TYR A 202 7.86 -7.92 -11.41
N SER A 203 8.43 -8.92 -10.74
CA SER A 203 7.88 -9.43 -9.48
CA SER A 203 7.88 -9.44 -9.49
C SER A 203 7.91 -8.43 -8.35
N HIS A 204 8.97 -7.65 -8.27
CA HIS A 204 9.05 -6.71 -7.15
C HIS A 204 8.31 -5.42 -7.45
N SER A 205 8.40 -4.94 -8.67
CA SER A 205 7.77 -3.67 -9.06
C SER A 205 6.26 -3.75 -9.32
N LEU A 206 5.78 -4.89 -9.86
CA LEU A 206 4.35 -5.00 -10.25
C LEU A 206 3.42 -5.67 -9.22
N LEU A 207 3.96 -6.40 -8.27
CA LEU A 207 3.14 -6.93 -7.16
C LEU A 207 2.22 -5.92 -6.44
N PRO A 208 2.73 -4.71 -6.02
CA PRO A 208 1.74 -3.81 -5.40
C PRO A 208 0.57 -3.44 -6.33
N VAL A 209 0.84 -3.41 -7.63
CA VAL A 209 -0.18 -3.12 -8.62
C VAL A 209 -1.23 -4.24 -8.69
N LEU A 210 -0.77 -5.48 -8.79
CA LEU A 210 -1.64 -6.66 -8.64
C LEU A 210 -2.37 -6.69 -7.30
N ARG A 211 -1.72 -6.20 -6.23
CA ARG A 211 -2.36 -6.21 -4.89
C ARG A 211 -3.45 -5.17 -4.73
N SER A 212 -3.51 -4.18 -5.64
CA SER A 212 -4.60 -3.17 -5.64
C SER A 212 -5.97 -3.79 -5.70
N GLY A 213 -6.07 -4.98 -6.31
CA GLY A 213 -7.35 -5.64 -6.51
C GLY A 213 -8.05 -5.20 -7.76
N HIS A 214 -7.38 -4.42 -8.62
CA HIS A 214 -8.05 -3.92 -9.84
C HIS A 214 -7.48 -4.54 -11.12
N VAL A 215 -6.62 -5.53 -10.93
CA VAL A 215 -6.12 -6.33 -12.03
C VAL A 215 -6.95 -7.62 -12.16
N LYS A 216 -7.64 -7.76 -13.28
CA LYS A 216 -8.46 -8.93 -13.54
C LYS A 216 -7.62 -10.13 -13.99
N ALA A 217 -6.51 -9.87 -14.65
CA ALA A 217 -5.60 -10.91 -15.13
C ALA A 217 -4.20 -10.37 -15.54
N PHE A 218 -3.19 -11.25 -15.48
CA PHE A 218 -1.80 -10.96 -15.83
C PHE A 218 -1.30 -12.10 -16.69
N ALA A 219 -0.66 -11.77 -17.81
CA ALA A 219 0.02 -12.76 -18.65
C ALA A 219 1.45 -12.29 -18.88
N HIS A 220 2.39 -13.17 -18.56
CA HIS A 220 3.80 -12.98 -18.85
C HIS A 220 3.99 -13.44 -20.30
N ILE A 221 4.64 -12.63 -21.13
CA ILE A 221 4.72 -12.94 -22.58
C ILE A 221 6.00 -13.70 -22.86
N THR A 222 5.86 -14.99 -23.16
CA THR A 222 7.01 -15.89 -23.27
C THR A 222 6.94 -16.64 -24.59
N GLY A 223 7.04 -17.98 -24.57
CA GLY A 223 7.06 -18.79 -25.78
C GLY A 223 5.74 -18.65 -26.48
N GLY A 224 5.77 -18.39 -27.79
CA GLY A 224 4.54 -18.25 -28.55
C GLY A 224 4.07 -16.79 -28.58
N GLY A 225 4.84 -15.91 -27.93
CA GLY A 225 4.61 -14.47 -28.01
C GLY A 225 3.26 -13.96 -27.54
N LEU A 226 2.85 -12.84 -28.12
CA LEU A 226 1.56 -12.24 -27.84
C LEU A 226 0.37 -13.15 -28.21
N LEU A 227 0.49 -13.88 -29.31
CA LEU A 227 -0.62 -14.72 -29.79
C LEU A 227 -0.94 -15.89 -28.86
N GLU A 228 0.06 -16.51 -28.25
CA GLU A 228 -0.14 -17.74 -27.46
CA GLU A 228 -0.18 -17.73 -27.46
C GLU A 228 -0.44 -17.44 -25.97
N ASN A 229 0.18 -16.42 -25.44
CA ASN A 229 0.11 -16.16 -24.00
C ASN A 229 -1.12 -15.42 -23.46
N ILE A 230 -1.66 -14.51 -24.27
CA ILE A 230 -2.84 -13.75 -23.85
C ILE A 230 -4.13 -14.60 -23.76
N PRO A 231 -4.43 -15.48 -24.74
CA PRO A 231 -5.64 -16.30 -24.61
C PRO A 231 -5.79 -17.08 -23.30
N ARG A 232 -4.65 -17.40 -22.66
CA ARG A 232 -4.65 -18.24 -21.44
C ARG A 232 -5.35 -17.57 -20.28
N VAL A 233 -5.47 -16.24 -20.33
CA VAL A 233 -6.06 -15.49 -19.21
C VAL A 233 -7.38 -14.79 -19.55
N LEU A 234 -7.91 -15.09 -20.74
CA LEU A 234 -9.20 -14.60 -21.22
C LEU A 234 -10.30 -15.65 -21.09
N PRO A 235 -11.55 -15.20 -20.82
CA PRO A 235 -12.67 -16.14 -20.93
C PRO A 235 -12.77 -16.67 -22.36
N GLU A 236 -13.12 -17.95 -22.48
CA GLU A 236 -13.26 -18.68 -23.73
C GLU A 236 -13.84 -17.88 -24.91
N LYS A 237 -14.89 -17.12 -24.64
CA LYS A 237 -15.59 -16.42 -25.72
C LYS A 237 -14.97 -15.07 -26.11
N LEU A 238 -13.92 -14.65 -25.40
CA LEU A 238 -13.34 -13.33 -25.67
C LEU A 238 -11.97 -13.43 -26.32
N GLY A 239 -11.65 -12.43 -27.13
CA GLY A 239 -10.30 -12.27 -27.66
C GLY A 239 -9.79 -10.89 -27.30
N VAL A 240 -8.73 -10.47 -27.98
CA VAL A 240 -8.10 -9.18 -27.76
C VAL A 240 -7.68 -8.54 -29.11
N ASP A 241 -7.91 -7.25 -29.26
CA ASP A 241 -7.55 -6.49 -30.43
C ASP A 241 -6.46 -5.56 -29.95
N LEU A 242 -5.25 -5.76 -30.47
CA LEU A 242 -4.07 -4.95 -30.12
C LEU A 242 -3.61 -4.07 -31.28
N ASP A 243 -3.03 -2.93 -30.96
CA ASP A 243 -2.52 -2.03 -32.01
C ASP A 243 -1.09 -1.65 -31.65
N ALA A 244 -0.14 -2.07 -32.49
CA ALA A 244 1.29 -1.93 -32.20
C ALA A 244 1.81 -0.48 -32.20
N GLN A 245 1.01 0.43 -32.75
CA GLN A 245 1.31 1.88 -32.73
C GLN A 245 1.18 2.52 -31.34
N THR A 246 0.57 1.76 -30.42
CA THR A 246 0.31 2.26 -29.08
C THR A 246 1.41 1.96 -28.08
N TRP A 247 2.43 1.20 -28.48
CA TRP A 247 3.60 0.94 -27.63
C TRP A 247 4.91 1.18 -28.37
N ARG A 248 6.02 1.31 -27.64
CA ARG A 248 7.34 1.41 -28.28
C ARG A 248 7.91 0.03 -28.54
N ILE A 249 8.31 -0.20 -29.80
CA ILE A 249 8.94 -1.47 -30.21
C ILE A 249 10.44 -1.27 -30.18
N PRO A 250 11.15 -1.96 -29.26
CA PRO A 250 12.61 -1.85 -29.20
C PRO A 250 13.24 -2.13 -30.60
N ARG A 251 14.32 -1.43 -30.94
CA ARG A 251 14.88 -1.53 -32.29
C ARG A 251 15.46 -2.90 -32.68
N VAL A 252 15.81 -3.71 -31.68
CA VAL A 252 16.25 -5.09 -31.96
C VAL A 252 15.19 -5.85 -32.80
N PHE A 253 13.91 -5.62 -32.50
CA PHE A 253 12.82 -6.26 -33.27
C PHE A 253 12.73 -5.79 -34.73
N SER A 254 12.95 -4.49 -34.99
CA SER A 254 13.08 -4.01 -36.37
C SER A 254 14.28 -4.65 -37.10
N TRP A 255 15.44 -4.72 -36.45
CA TRP A 255 16.63 -5.32 -37.09
C TRP A 255 16.31 -6.75 -37.50
N LEU A 256 15.74 -7.51 -36.59
CA LEU A 256 15.36 -8.91 -36.85
C LEU A 256 14.33 -9.12 -37.96
N GLN A 257 13.29 -8.30 -37.99
CA GLN A 257 12.24 -8.38 -39.01
C GLN A 257 12.85 -8.14 -40.40
N GLN A 258 13.69 -7.11 -40.50
CA GLN A 258 14.35 -6.74 -41.75
C GLN A 258 15.32 -7.80 -42.21
N GLU A 259 16.19 -8.26 -41.32
CA GLU A 259 17.18 -9.28 -41.66
C GLU A 259 16.57 -10.59 -42.13
N GLY A 260 15.53 -11.06 -41.42
CA GLY A 260 14.89 -12.33 -41.72
C GLY A 260 13.68 -12.21 -42.61
N HIS A 261 13.33 -10.98 -43.02
CA HIS A 261 12.14 -10.73 -43.82
C HIS A 261 10.94 -11.42 -43.17
N LEU A 262 10.69 -11.07 -41.91
CA LEU A 262 9.68 -11.75 -41.10
C LEU A 262 8.29 -11.12 -41.26
N SER A 263 7.27 -11.96 -41.42
CA SER A 263 5.88 -11.51 -41.51
C SER A 263 5.37 -11.05 -40.13
N GLU A 264 4.22 -10.38 -40.14
CA GLU A 264 3.56 -9.96 -38.88
C GLU A 264 3.32 -11.16 -37.99
N GLU A 265 2.79 -12.23 -38.59
CA GLU A 265 2.43 -13.45 -37.87
C GLU A 265 3.64 -14.08 -37.21
N GLU A 266 4.72 -14.23 -37.95
CA GLU A 266 5.97 -14.78 -37.44
C GLU A 266 6.48 -13.94 -36.25
N MET A 267 6.54 -12.61 -36.42
CA MET A 267 6.92 -11.69 -35.33
C MET A 267 6.03 -11.90 -34.10
N ALA A 268 4.69 -11.87 -34.29
CA ALA A 268 3.72 -11.95 -33.15
C ALA A 268 3.68 -13.31 -32.41
N ARG A 269 3.94 -14.38 -33.15
CA ARG A 269 4.02 -15.74 -32.62
C ARG A 269 5.38 -16.06 -31.95
N THR A 270 6.43 -15.30 -32.27
CA THR A 270 7.78 -15.66 -31.79
C THR A 270 8.29 -14.72 -30.72
N PHE A 271 8.08 -13.41 -30.92
CA PHE A 271 8.68 -12.40 -30.08
C PHE A 271 7.64 -11.64 -29.22
N ASN A 272 8.10 -11.09 -28.11
CA ASN A 272 7.25 -10.21 -27.29
C ASN A 272 6.99 -8.85 -27.96
N CYS A 273 7.84 -8.48 -28.92
CA CYS A 273 7.74 -7.23 -29.70
C CYS A 273 7.69 -5.94 -28.86
N GLY A 274 8.21 -5.97 -27.63
CA GLY A 274 8.17 -4.79 -26.78
C GLY A 274 7.29 -4.88 -25.56
N VAL A 275 6.41 -5.87 -25.54
CA VAL A 275 5.42 -6.08 -24.47
C VAL A 275 5.81 -7.34 -23.68
N GLY A 276 6.42 -7.18 -22.50
CA GLY A 276 6.88 -8.33 -21.68
C GLY A 276 5.77 -8.97 -20.86
N ALA A 277 4.68 -8.21 -20.64
CA ALA A 277 3.56 -8.64 -19.81
C ALA A 277 2.30 -7.84 -20.18
N VAL A 278 1.12 -8.41 -19.91
CA VAL A 278 -0.15 -7.75 -20.19
C VAL A 278 -1.04 -7.78 -18.94
N LEU A 279 -1.79 -6.70 -18.67
CA LEU A 279 -2.83 -6.72 -17.62
C LEU A 279 -4.18 -6.49 -18.26
N VAL A 280 -5.21 -7.17 -17.75
CA VAL A 280 -6.59 -6.85 -18.16
C VAL A 280 -7.21 -6.05 -17.02
N VAL A 281 -7.74 -4.87 -17.34
CA VAL A 281 -8.33 -3.95 -16.36
C VAL A 281 -9.60 -3.30 -16.96
N SER A 282 -10.55 -2.90 -16.12
CA SER A 282 -11.73 -2.17 -16.60
C SER A 282 -11.32 -0.75 -17.03
N LYS A 283 -12.09 -0.15 -17.93
CA LYS A 283 -11.85 1.22 -18.38
C LYS A 283 -11.75 2.23 -17.21
N GLU A 284 -12.67 2.10 -16.26
CA GLU A 284 -12.75 2.97 -15.07
C GLU A 284 -11.48 2.91 -14.24
N GLN A 285 -10.82 1.77 -14.25
CA GLN A 285 -9.64 1.54 -13.39
C GLN A 285 -8.30 1.73 -14.12
N THR A 286 -8.38 2.00 -15.41
CA THR A 286 -7.21 2.17 -16.28
C THR A 286 -6.20 3.24 -15.81
N GLU A 287 -6.68 4.46 -15.59
CA GLU A 287 -5.82 5.58 -15.23
C GLU A 287 -5.02 5.29 -13.94
N GLN A 288 -5.69 4.81 -12.89
CA GLN A 288 -5.00 4.58 -11.62
C GLN A 288 -3.99 3.40 -11.73
N ILE A 289 -4.34 2.41 -12.53
CA ILE A 289 -3.38 1.35 -12.86
C ILE A 289 -2.11 1.89 -13.56
N LEU A 290 -2.28 2.73 -14.59
CA LEU A 290 -1.15 3.36 -15.30
C LEU A 290 -0.30 4.19 -14.33
N ARG A 291 -0.98 4.95 -13.45
CA ARG A 291 -0.33 5.72 -12.37
C ARG A 291 0.48 4.81 -11.45
N GLY A 292 -0.14 3.73 -10.97
CA GLY A 292 0.53 2.69 -10.16
C GLY A 292 1.77 2.11 -10.81
N ILE A 293 1.66 1.71 -12.07
CA ILE A 293 2.83 1.18 -12.84
C ILE A 293 4.00 2.21 -12.95
N GLN A 294 3.66 3.45 -13.30
CA GLN A 294 4.66 4.54 -13.46
C GLN A 294 5.38 4.81 -12.14
N GLN A 295 4.65 4.80 -11.03
CA GLN A 295 5.26 5.04 -9.76
C GLN A 295 6.20 3.91 -9.32
N HIS A 296 5.96 2.70 -9.79
CA HIS A 296 6.86 1.61 -9.53
C HIS A 296 7.94 1.44 -10.57
N LYS A 297 8.15 2.48 -11.37
CA LYS A 297 9.27 2.58 -12.34
C LYS A 297 9.23 1.52 -13.46
N GLU A 298 8.03 1.15 -13.87
CA GLU A 298 7.87 0.42 -15.12
C GLU A 298 7.20 1.33 -16.16
N GLU A 299 7.31 0.92 -17.41
CA GLU A 299 6.74 1.66 -18.52
C GLU A 299 5.56 0.84 -19.07
N ALA A 300 4.45 1.52 -19.35
CA ALA A 300 3.22 0.87 -19.81
C ALA A 300 2.32 1.77 -20.66
N TRP A 301 1.50 1.13 -21.48
CA TRP A 301 0.55 1.78 -22.35
C TRP A 301 -0.73 0.96 -22.37
N VAL A 302 -1.83 1.63 -22.72
CA VAL A 302 -3.04 0.97 -23.14
C VAL A 302 -2.76 0.47 -24.58
N ILE A 303 -2.67 -0.84 -24.78
CA ILE A 303 -2.28 -1.37 -26.10
C ILE A 303 -3.46 -1.97 -26.89
N GLY A 304 -4.60 -2.10 -26.22
CA GLY A 304 -5.80 -2.63 -26.89
C GLY A 304 -6.93 -2.89 -25.93
N SER A 305 -7.84 -3.77 -26.35
CA SER A 305 -9.08 -4.02 -25.62
C SER A 305 -9.58 -5.45 -25.77
N VAL A 306 -10.37 -5.88 -24.80
CA VAL A 306 -11.05 -7.17 -24.84
C VAL A 306 -12.29 -7.03 -25.71
N VAL A 307 -12.43 -7.98 -26.63
CA VAL A 307 -13.45 -7.92 -27.67
C VAL A 307 -14.11 -9.30 -27.81
N ALA A 308 -15.31 -9.36 -28.39
CA ALA A 308 -15.94 -10.63 -28.75
C ALA A 308 -15.11 -11.38 -29.82
N ARG A 309 -15.39 -12.66 -30.00
CA ARG A 309 -14.79 -13.47 -31.06
C ARG A 309 -15.76 -13.64 -32.24
N PRO A 314 -8.81 -14.88 -35.93
CA PRO A 314 -7.74 -15.13 -34.94
C PRO A 314 -8.07 -14.45 -33.62
N ARG A 315 -7.91 -15.19 -32.52
CA ARG A 315 -8.26 -14.74 -31.17
C ARG A 315 -7.55 -13.45 -30.70
N VAL A 316 -6.25 -13.38 -30.93
CA VAL A 316 -5.48 -12.19 -30.69
C VAL A 316 -5.16 -11.58 -32.06
N LYS A 317 -5.47 -10.30 -32.23
CA LYS A 317 -5.07 -9.57 -33.41
C LYS A 317 -4.05 -8.51 -33.02
N VAL A 318 -2.94 -8.47 -33.76
CA VAL A 318 -1.93 -7.41 -33.63
C VAL A 318 -1.86 -6.53 -34.90
N LYS A 319 -2.65 -5.47 -34.92
CA LYS A 319 -2.71 -4.52 -36.02
C LYS A 319 -1.40 -3.73 -36.09
N ASN A 320 -0.95 -3.42 -37.31
CA ASN A 320 0.10 -2.44 -37.58
C ASN A 320 1.50 -2.79 -37.08
N LEU A 321 1.76 -4.07 -36.85
CA LEU A 321 3.05 -4.53 -36.31
C LEU A 321 4.28 -4.21 -37.19
N ILE A 322 4.23 -4.62 -38.46
CA ILE A 322 5.35 -4.36 -39.36
C ILE A 322 5.45 -2.85 -39.66
N GLU A 323 4.31 -2.21 -39.99
CA GLU A 323 4.24 -0.77 -40.22
C GLU A 323 4.91 -0.02 -39.07
N SER A 324 4.47 -0.32 -37.86
CA SER A 324 4.95 0.34 -36.66
C SER A 324 6.45 0.12 -36.37
N MET A 325 7.01 -1.02 -36.78
CA MET A 325 8.44 -1.30 -36.52
C MET A 325 9.39 -1.08 -37.71
N GLN A 326 8.85 -0.94 -38.92
CA GLN A 326 9.65 -0.69 -40.14
C GLN A 326 10.34 0.66 -40.08
N ILE A 327 11.65 0.65 -40.29
CA ILE A 327 12.46 1.87 -40.28
C ILE A 327 12.40 2.54 -41.63
N ASN A 328 12.06 3.82 -41.63
CA ASN A 328 12.03 4.64 -42.83
C ASN A 328 13.45 4.80 -43.41
N GLY A 329 13.62 4.42 -44.67
CA GLY A 329 14.94 4.41 -45.31
C GLY A 329 15.48 5.80 -45.68
N SER A 330 14.61 6.81 -45.63
CA SER A 330 15.02 8.18 -45.93
C SER A 330 15.30 9.01 -44.67
N VAL A 331 15.38 8.34 -43.53
CA VAL A 331 15.56 9.01 -42.23
C VAL A 331 16.86 8.50 -41.58
N LEU A 332 17.87 9.36 -41.50
CA LEU A 332 19.18 8.99 -40.92
C LEU A 332 19.52 9.84 -39.69
N GLY B 15 -0.65 33.61 32.80
CA GLY B 15 -1.14 34.18 34.08
C GLY B 15 -1.38 33.09 35.11
N LEU B 16 -2.03 33.46 36.20
CA LEU B 16 -2.37 32.53 37.25
C LEU B 16 -3.81 32.12 36.98
N PHE B 17 -4.36 31.24 37.80
CA PHE B 17 -5.75 30.82 37.70
C PHE B 17 -6.35 30.80 39.10
N ASP B 18 -7.60 31.24 39.19
CA ASP B 18 -8.29 31.52 40.44
C ASP B 18 -9.50 30.61 40.52
N LEU B 19 -9.38 29.55 41.30
CA LEU B 19 -10.42 28.51 41.41
C LEU B 19 -11.69 29.00 42.10
N LYS B 20 -11.55 29.87 43.09
CA LYS B 20 -12.70 30.46 43.78
C LYS B 20 -13.56 31.23 42.78
N ALA B 21 -12.92 32.08 41.96
CA ALA B 21 -13.61 32.83 40.93
C ALA B 21 -14.34 31.94 39.92
N ALA B 22 -13.69 30.86 39.47
CA ALA B 22 -14.33 29.85 38.63
C ALA B 22 -15.46 29.09 39.34
N GLY B 23 -15.69 29.43 40.61
CA GLY B 23 -16.86 28.96 41.35
C GLY B 23 -16.79 27.53 41.84
N PHE B 24 -15.57 27.04 42.08
CA PHE B 24 -15.41 25.72 42.68
C PHE B 24 -15.45 25.80 44.21
N LYS B 25 -15.87 24.72 44.84
CA LYS B 25 -16.01 24.71 46.29
C LYS B 25 -15.05 23.72 46.96
N ASP B 26 -15.05 22.49 46.48
CA ASP B 26 -14.08 21.48 46.94
C ASP B 26 -13.46 20.78 45.72
N PRO B 27 -12.57 21.48 44.99
CA PRO B 27 -12.06 20.95 43.72
C PRO B 27 -11.01 19.85 43.84
N LEU B 28 -11.12 18.83 42.99
CA LEU B 28 -9.97 17.97 42.68
C LEU B 28 -9.40 18.51 41.38
N LEU B 29 -8.08 18.40 41.20
CA LEU B 29 -7.41 18.79 39.94
C LEU B 29 -7.02 17.57 39.09
N ALA B 30 -7.44 17.60 37.83
CA ALA B 30 -7.04 16.63 36.81
C ALA B 30 -6.10 17.35 35.87
N SER B 31 -5.07 16.66 35.41
CA SER B 31 -4.20 17.19 34.37
C SER B 31 -3.83 16.08 33.42
N GLY B 32 -3.38 16.46 32.25
CA GLY B 32 -2.87 15.48 31.32
C GLY B 32 -2.06 16.16 30.25
N THR B 33 -1.18 15.39 29.66
CA THR B 33 -0.32 15.85 28.58
C THR B 33 -0.61 14.96 27.37
N ASP B 34 -0.46 15.52 26.18
CA ASP B 34 -0.66 14.73 24.98
C ASP B 34 0.03 15.44 23.82
N GLY B 35 0.17 14.72 22.70
CA GLY B 35 0.76 15.26 21.47
C GLY B 35 -0.12 14.94 20.27
N VAL B 36 0.24 15.51 19.12
CA VAL B 36 -0.49 15.27 17.87
C VAL B 36 0.00 14.01 17.14
N GLY B 37 1.22 13.54 17.47
CA GLY B 37 1.84 12.41 16.76
C GLY B 37 2.27 12.81 15.34
N THR B 38 2.38 11.83 14.43
CA THR B 38 2.93 12.12 13.10
C THR B 38 1.94 12.72 12.09
N LYS B 39 0.72 12.99 12.52
CA LYS B 39 -0.21 13.89 11.77
C LYS B 39 0.45 15.23 11.43
N LEU B 40 1.36 15.69 12.30
CA LEU B 40 2.10 16.96 12.07
C LEU B 40 2.95 16.88 10.81
N LYS B 41 3.36 15.67 10.45
CA LYS B 41 4.15 15.46 9.24
C LYS B 41 3.40 15.83 7.97
N ILE B 42 2.12 15.44 7.94
CA ILE B 42 1.19 15.83 6.87
C ILE B 42 0.97 17.35 6.87
N ALA B 43 0.76 17.95 8.05
CA ALA B 43 0.63 19.41 8.13
C ALA B 43 1.88 20.10 7.55
N GLN B 44 3.05 19.59 7.93
CA GLN B 44 4.34 20.13 7.47
C GLN B 44 4.57 19.93 5.95
N LEU B 45 4.25 18.74 5.42
CA LEU B 45 4.40 18.48 3.97
C LEU B 45 3.42 19.31 3.14
N CYS B 46 2.20 19.50 3.64
CA CYS B 46 1.17 20.21 2.89
C CYS B 46 1.18 21.71 3.15
N ASN B 47 1.93 22.14 4.17
CA ASN B 47 1.93 23.55 4.62
C ASN B 47 0.52 24.01 4.99
N LYS B 48 -0.10 23.20 5.83
CA LYS B 48 -1.45 23.43 6.31
C LYS B 48 -1.44 23.26 7.84
N HIS B 49 -1.26 24.37 8.56
CA HIS B 49 -1.01 24.35 10.01
C HIS B 49 -2.17 24.90 10.86
N ASP B 50 -3.23 25.34 10.19
CA ASP B 50 -4.33 26.11 10.80
C ASP B 50 -5.17 25.33 11.81
N THR B 51 -5.23 24.00 11.67
CA THR B 51 -6.08 23.18 12.54
C THR B 51 -5.32 22.16 13.42
N ILE B 52 -4.02 22.07 13.24
CA ILE B 52 -3.16 21.18 14.04
C ILE B 52 -3.19 21.58 15.53
N GLY B 53 -3.44 22.87 15.79
CA GLY B 53 -3.63 23.39 17.16
C GLY B 53 -4.90 22.87 17.82
N GLN B 54 -5.97 22.74 17.03
CA GLN B 54 -7.20 22.08 17.48
C GLN B 54 -6.95 20.61 17.82
N ASP B 55 -6.17 19.88 17.00
CA ASP B 55 -5.84 18.49 17.39
C ASP B 55 -5.18 18.44 18.75
N LEU B 56 -4.22 19.34 18.96
CA LEU B 56 -3.45 19.35 20.21
C LEU B 56 -4.36 19.63 21.40
N VAL B 57 -5.11 20.73 21.31
CA VAL B 57 -5.96 21.15 22.41
C VAL B 57 -7.06 20.08 22.69
N ALA B 58 -7.74 19.61 21.63
CA ALA B 58 -8.79 18.58 21.74
C ALA B 58 -8.28 17.32 22.46
N MET B 59 -7.10 16.83 22.08
CA MET B 59 -6.52 15.64 22.73
C MET B 59 -6.38 15.85 24.25
N CYS B 60 -5.81 16.98 24.66
CA CYS B 60 -5.58 17.24 26.09
C CYS B 60 -6.91 17.48 26.84
N VAL B 61 -7.80 18.29 26.26
CA VAL B 61 -9.06 18.61 26.96
C VAL B 61 -10.01 17.39 27.01
N ASN B 62 -10.03 16.60 25.93
CA ASN B 62 -10.80 15.34 25.93
C ASN B 62 -10.28 14.30 26.95
N ASP B 63 -8.96 14.22 27.10
CA ASP B 63 -8.33 13.38 28.15
C ASP B 63 -8.77 13.73 29.57
N ILE B 64 -8.86 15.02 29.91
CA ILE B 64 -9.23 15.38 31.28
C ILE B 64 -10.73 15.27 31.52
N LEU B 65 -11.50 15.52 30.46
CA LEU B 65 -12.93 15.23 30.44
C LEU B 65 -13.24 13.78 30.84
N ALA B 66 -12.41 12.83 30.38
CA ALA B 66 -12.55 11.43 30.76
C ALA B 66 -12.46 11.17 32.26
N GLN B 67 -11.80 12.08 33.00
CA GLN B 67 -11.70 11.95 34.45
C GLN B 67 -12.86 12.63 35.21
N GLY B 68 -13.75 13.32 34.50
CA GLY B 68 -14.88 14.02 35.11
C GLY B 68 -14.67 15.53 35.27
N ALA B 69 -13.57 16.03 34.72
CA ALA B 69 -13.13 17.41 34.92
C ALA B 69 -13.56 18.40 33.85
N GLU B 70 -13.92 19.60 34.28
CA GLU B 70 -14.08 20.76 33.40
C GLU B 70 -12.68 21.36 33.14
N PRO B 71 -12.26 21.45 31.86
CA PRO B 71 -11.00 22.13 31.48
C PRO B 71 -10.96 23.57 31.93
N LEU B 72 -9.85 23.96 32.56
CA LEU B 72 -9.69 25.31 33.07
C LEU B 72 -8.68 26.06 32.25
N PHE B 73 -7.54 25.42 31.97
CA PHE B 73 -6.46 26.09 31.29
C PHE B 73 -5.52 25.16 30.53
N PHE B 74 -4.81 25.73 29.57
CA PHE B 74 -4.00 24.95 28.66
C PHE B 74 -2.65 25.65 28.42
N LEU B 75 -1.59 24.87 28.24
CA LEU B 75 -0.25 25.36 27.92
C LEU B 75 0.33 24.44 26.86
N ASP B 76 1.23 24.95 26.04
CA ASP B 76 1.88 24.11 25.04
C ASP B 76 3.38 24.35 25.02
N TYR B 77 4.13 23.28 24.69
CA TYR B 77 5.52 23.39 24.34
C TYR B 77 5.71 23.08 22.86
N PHE B 78 6.24 24.06 22.14
CA PHE B 78 6.33 24.07 20.66
C PHE B 78 7.84 24.09 20.34
N SER B 79 8.40 22.91 20.06
CA SER B 79 9.83 22.84 19.77
C SER B 79 10.04 22.72 18.24
N CYS B 80 10.99 23.44 17.69
CA CYS B 80 11.09 23.39 16.25
C CYS B 80 12.49 23.58 15.67
N GLY B 81 12.62 23.21 14.39
CA GLY B 81 13.76 23.58 13.61
C GLY B 81 13.50 24.96 13.09
N LYS B 82 14.26 25.40 12.09
CA LYS B 82 13.97 26.68 11.46
C LYS B 82 12.63 26.59 10.71
N LEU B 83 11.68 27.42 11.12
CA LEU B 83 10.36 27.50 10.50
C LEU B 83 10.13 28.88 9.94
N ASP B 84 9.25 28.93 8.93
CA ASP B 84 8.78 30.17 8.43
C ASP B 84 7.99 30.84 9.55
N LEU B 85 8.13 32.16 9.62
CA LEU B 85 7.37 33.00 10.52
C LEU B 85 5.86 32.74 10.42
N SER B 86 5.38 32.58 9.18
CA SER B 86 3.95 32.33 8.94
C SER B 86 3.45 31.00 9.51
N VAL B 87 4.32 30.00 9.47
CA VAL B 87 4.04 28.69 10.01
C VAL B 87 3.98 28.80 11.56
N THR B 88 4.97 29.45 12.16
CA THR B 88 5.02 29.60 13.61
C THR B 88 3.74 30.29 14.06
N GLU B 89 3.39 31.41 13.42
CA GLU B 89 2.14 32.11 13.77
C GLU B 89 0.88 31.28 13.54
N ALA B 90 0.79 30.55 12.41
CA ALA B 90 -0.42 29.76 12.11
C ALA B 90 -0.66 28.63 13.14
N VAL B 91 0.43 27.99 13.58
CA VAL B 91 0.32 26.93 14.59
C VAL B 91 -0.25 27.55 15.88
N VAL B 92 0.33 28.69 16.30
CA VAL B 92 -0.10 29.32 17.54
C VAL B 92 -1.53 29.87 17.48
N ALA B 93 -1.90 30.50 16.36
CA ALA B 93 -3.27 31.01 16.19
C ALA B 93 -4.32 29.89 16.34
N GLY B 94 -4.01 28.71 15.81
CA GLY B 94 -4.91 27.56 15.86
C GLY B 94 -5.11 26.97 17.26
N ILE B 95 -4.03 26.98 18.03
CA ILE B 95 -4.11 26.70 19.47
C ILE B 95 -5.03 27.67 20.20
N ALA B 96 -4.86 28.98 19.97
CA ALA B 96 -5.69 30.04 20.53
C ALA B 96 -7.18 29.89 20.16
N LYS B 97 -7.44 29.55 18.89
CA LYS B 97 -8.81 29.31 18.40
C LYS B 97 -9.43 28.13 19.09
N ALA B 98 -8.67 27.05 19.17
CA ALA B 98 -9.14 25.81 19.79
C ALA B 98 -9.39 25.95 21.29
N CYS B 99 -8.55 26.71 22.00
CA CYS B 99 -8.83 27.02 23.42
C CYS B 99 -10.17 27.78 23.61
N GLY B 100 -10.40 28.79 22.77
CA GLY B 100 -11.69 29.49 22.69
C GLY B 100 -12.87 28.54 22.52
N LYS B 101 -12.78 27.61 21.56
CA LYS B 101 -13.82 26.59 21.35
C LYS B 101 -13.97 25.64 22.55
N ALA B 102 -12.84 25.22 23.13
CA ALA B 102 -12.86 24.27 24.27
C ALA B 102 -13.47 24.86 25.56
N GLY B 103 -13.47 26.18 25.65
CA GLY B 103 -13.89 26.89 26.84
C GLY B 103 -12.80 26.94 27.90
N CYS B 104 -11.54 26.85 27.49
CA CYS B 104 -10.45 26.99 28.44
C CYS B 104 -9.50 28.12 28.07
N ALA B 105 -8.86 28.69 29.09
CA ALA B 105 -7.83 29.71 28.90
C ALA B 105 -6.53 29.10 28.38
N LEU B 106 -5.91 29.74 27.39
CA LEU B 106 -4.52 29.51 27.03
C LEU B 106 -3.67 30.30 28.02
N LEU B 107 -2.97 29.60 28.91
CA LEU B 107 -2.32 30.29 29.99
C LEU B 107 -0.87 30.55 29.74
N GLY B 108 -0.30 29.90 28.73
CA GLY B 108 1.13 30.06 28.48
C GLY B 108 1.62 29.10 27.42
N GLY B 109 2.91 29.16 27.13
CA GLY B 109 3.53 28.32 26.11
C GLY B 109 4.93 28.82 25.85
N GLU B 110 5.79 27.95 25.36
CA GLU B 110 7.08 28.38 24.91
C GLU B 110 7.24 27.86 23.50
N THR B 111 7.87 28.66 22.65
CA THR B 111 8.30 28.20 21.34
C THR B 111 9.80 28.12 21.42
N ALA B 112 10.37 26.93 21.24
CA ALA B 112 11.82 26.74 21.34
C ALA B 112 12.42 26.28 20.02
N GLU B 113 13.17 27.17 19.38
CA GLU B 113 13.84 26.88 18.10
C GLU B 113 15.20 26.21 18.29
N MET B 114 15.34 25.01 17.73
CA MET B 114 16.56 24.19 17.89
C MET B 114 16.94 23.49 16.57
N PRO B 115 17.67 24.21 15.68
CA PRO B 115 18.10 23.68 14.39
C PRO B 115 18.86 22.37 14.44
N ASP B 116 19.65 22.16 15.49
CA ASP B 116 20.34 20.90 15.67
C ASP B 116 19.46 19.71 16.12
N MET B 117 18.21 19.98 16.48
CA MET B 117 17.30 18.91 16.92
C MET B 117 16.29 18.50 15.85
N TYR B 118 15.90 19.43 14.98
CA TYR B 118 14.87 19.23 13.96
C TYR B 118 15.39 19.81 12.65
N PRO B 119 15.06 19.17 11.50
CA PRO B 119 15.42 19.74 10.19
C PRO B 119 14.48 20.93 9.87
N PRO B 120 14.87 21.80 8.90
CA PRO B 120 14.03 22.94 8.55
C PRO B 120 12.58 22.55 8.24
N GLY B 121 11.62 23.33 8.75
CA GLY B 121 10.20 23.02 8.51
C GLY B 121 9.59 21.96 9.41
N GLU B 122 10.38 21.26 10.21
CA GLU B 122 9.80 20.28 11.14
C GLU B 122 9.65 20.85 12.56
N TYR B 123 8.53 20.53 13.19
CA TYR B 123 8.32 20.89 14.57
C TYR B 123 7.58 19.74 15.28
N ASP B 124 7.60 19.80 16.63
CA ASP B 124 6.81 18.92 17.47
C ASP B 124 6.01 19.77 18.43
N LEU B 125 4.91 19.21 18.95
CA LEU B 125 4.03 19.89 19.92
C LEU B 125 3.73 19.02 21.12
N ALA B 126 3.84 19.58 22.31
CA ALA B 126 3.42 18.91 23.54
C ALA B 126 2.33 19.79 24.14
N GLY B 127 1.20 19.22 24.52
CA GLY B 127 0.13 20.02 25.14
C GLY B 127 -0.08 19.57 26.56
N PHE B 128 -0.59 20.48 27.40
CA PHE B 128 -0.88 20.20 28.81
CA PHE B 128 -0.90 20.18 28.79
C PHE B 128 -2.17 20.94 29.19
N ALA B 129 -3.18 20.20 29.68
CA ALA B 129 -4.41 20.84 30.24
C ALA B 129 -4.65 20.49 31.71
N VAL B 130 -5.18 21.46 32.46
CA VAL B 130 -5.66 21.25 33.82
C VAL B 130 -7.17 21.53 33.83
N GLY B 131 -7.90 20.66 34.52
CA GLY B 131 -9.31 20.82 34.79
C GLY B 131 -9.59 20.60 36.27
N ALA B 132 -10.83 20.85 36.68
CA ALA B 132 -11.26 20.69 38.06
C ALA B 132 -12.66 20.09 38.10
N MET B 133 -12.97 19.46 39.21
CA MET B 133 -14.31 18.99 39.50
C MET B 133 -14.46 18.80 41.01
N GLU B 134 -15.71 18.67 41.46
CA GLU B 134 -15.99 18.36 42.87
C GLU B 134 -15.66 16.88 43.13
N ARG B 135 -15.36 16.55 44.38
CA ARG B 135 -14.84 15.20 44.73
C ARG B 135 -15.73 14.05 44.21
N ASP B 136 -17.05 14.24 44.31
CA ASP B 136 -18.03 13.25 43.88
C ASP B 136 -18.14 13.06 42.35
N GLN B 137 -17.54 13.98 41.59
CA GLN B 137 -17.65 13.97 40.13
C GLN B 137 -16.53 13.17 39.45
N LYS B 138 -15.68 12.54 40.24
CA LYS B 138 -14.57 11.75 39.69
C LYS B 138 -15.01 10.52 38.89
N LEU B 139 -14.53 10.42 37.66
CA LEU B 139 -14.80 9.28 36.81
C LEU B 139 -13.54 8.43 36.68
N PRO B 140 -13.68 7.10 36.49
CA PRO B 140 -14.95 6.33 36.51
C PRO B 140 -15.51 6.05 37.91
N HIS B 141 -16.81 5.82 38.00
CA HIS B 141 -17.44 5.32 39.20
C HIS B 141 -17.49 3.82 39.02
N LEU B 142 -16.32 3.19 39.14
CA LEU B 142 -16.16 1.76 38.88
C LEU B 142 -17.16 0.88 39.61
N GLU B 143 -17.50 1.27 40.86
CA GLU B 143 -18.40 0.51 41.75
C GLU B 143 -19.83 0.47 41.24
N ARG B 144 -20.17 1.35 40.29
CA ARG B 144 -21.54 1.41 39.75
C ARG B 144 -21.69 0.53 38.52
N ILE B 145 -20.57 0.12 37.92
CA ILE B 145 -20.61 -0.52 36.61
C ILE B 145 -20.89 -2.01 36.77
N THR B 146 -21.83 -2.49 35.98
CA THR B 146 -22.35 -3.83 36.13
C THR B 146 -22.63 -4.42 34.73
N GLU B 147 -22.68 -5.76 34.66
CA GLU B 147 -23.03 -6.46 33.43
C GLU B 147 -24.40 -5.97 32.93
N GLY B 148 -24.51 -5.67 31.65
CA GLY B 148 -25.78 -5.19 31.09
C GLY B 148 -25.94 -3.68 31.07
N ASP B 149 -24.94 -2.95 31.59
CA ASP B 149 -24.84 -1.50 31.38
C ASP B 149 -24.58 -1.28 29.88
N VAL B 150 -24.94 -0.08 29.45
CA VAL B 150 -24.99 0.27 28.05
C VAL B 150 -23.73 1.09 27.68
N VAL B 151 -23.17 0.79 26.51
CA VAL B 151 -22.06 1.56 25.95
C VAL B 151 -22.56 2.50 24.86
N VAL B 152 -22.38 3.80 25.09
CA VAL B 152 -22.77 4.84 24.14
C VAL B 152 -21.54 5.38 23.42
N GLY B 153 -21.53 5.30 22.10
CA GLY B 153 -20.39 5.82 21.30
C GLY B 153 -20.68 7.23 20.77
N ILE B 154 -19.73 8.16 20.94
CA ILE B 154 -19.86 9.51 20.38
C ILE B 154 -19.11 9.55 19.06
N ALA B 155 -19.73 10.09 18.02
CA ALA B 155 -19.08 10.24 16.72
C ALA B 155 -17.75 11.02 16.80
N SER B 156 -16.71 10.48 16.15
CA SER B 156 -15.48 11.26 15.86
C SER B 156 -15.68 12.05 14.56
N SER B 157 -14.77 12.98 14.25
CA SER B 157 -14.79 13.70 12.97
C SER B 157 -14.05 12.97 11.87
N GLY B 158 -13.49 11.80 12.20
CA GLY B 158 -12.61 11.09 11.28
C GLY B 158 -11.46 10.54 12.09
N LEU B 159 -10.24 10.60 11.56
CA LEU B 159 -9.07 9.94 12.23
C LEU B 159 -8.66 10.54 13.57
N HIS B 160 -9.06 11.79 13.83
CA HIS B 160 -8.59 12.50 15.04
C HIS B 160 -7.06 12.59 14.98
N SER B 161 -6.33 12.10 16.00
CA SER B 161 -4.87 12.24 16.04
C SER B 161 -4.09 10.95 16.26
N ASN B 162 -4.67 9.80 15.96
CA ASN B 162 -3.97 8.53 16.19
C ASN B 162 -4.07 7.62 14.99
N GLY B 163 -3.04 6.82 14.76
CA GLY B 163 -2.97 5.91 13.61
C GLY B 163 -2.21 6.47 12.43
N PHE B 164 -1.46 7.56 12.64
CA PHE B 164 -0.86 8.33 11.52
C PHE B 164 0.44 7.79 10.98
N SER B 165 1.11 6.94 11.74
CA SER B 165 2.21 6.22 11.20
C SER B 165 1.68 5.23 10.14
N LEU B 166 0.57 4.53 10.42
CA LEU B 166 -0.04 3.63 9.43
C LEU B 166 -0.61 4.41 8.23
N VAL B 167 -1.40 5.45 8.50
CA VAL B 167 -1.90 6.39 7.45
C VAL B 167 -0.86 6.82 6.42
N ARG B 168 0.26 7.39 6.87
CA ARG B 168 1.29 7.92 5.96
C ARG B 168 1.94 6.80 5.13
N LYS B 169 2.04 5.60 5.72
CA LYS B 169 2.55 4.44 5.01
C LYS B 169 1.60 3.96 3.92
N ILE B 170 0.30 3.96 4.21
CA ILE B 170 -0.71 3.64 3.21
C ILE B 170 -0.73 4.70 2.07
N VAL B 171 -0.70 5.98 2.41
CA VAL B 171 -0.60 7.03 1.38
C VAL B 171 0.65 6.89 0.52
N ALA B 172 1.82 6.68 1.14
CA ALA B 172 3.07 6.52 0.38
C ALA B 172 2.96 5.38 -0.64
N LYS B 173 2.23 4.33 -0.28
CA LYS B 173 2.09 3.16 -1.13
C LYS B 173 1.01 3.29 -2.22
N SER B 174 -0.04 4.07 -1.97
CA SER B 174 -1.09 4.25 -2.97
C SER B 174 -0.61 5.13 -4.12
N SER B 175 -1.36 5.11 -5.23
CA SER B 175 -1.04 6.00 -6.37
C SER B 175 -1.46 7.46 -6.11
N LEU B 176 -2.18 7.70 -5.01
CA LEU B 176 -2.52 9.06 -4.58
C LEU B 176 -1.38 9.77 -3.83
N GLN B 177 -1.36 11.09 -3.92
CA GLN B 177 -0.57 11.96 -3.07
C GLN B 177 -1.52 12.85 -2.29
N TYR B 178 -0.99 13.62 -1.35
CA TYR B 178 -1.80 14.50 -0.51
C TYR B 178 -2.53 15.55 -1.31
N SER B 179 -1.93 15.94 -2.42
CA SER B 179 -2.50 16.97 -3.30
C SER B 179 -3.57 16.41 -4.26
N SER B 180 -3.70 15.08 -4.32
CA SER B 180 -4.76 14.41 -5.08
C SER B 180 -6.17 14.74 -4.55
N PRO B 181 -7.19 14.71 -5.44
CA PRO B 181 -8.56 14.76 -4.91
C PRO B 181 -8.78 13.67 -3.87
N ALA B 182 -9.47 14.00 -2.77
CA ALA B 182 -9.82 13.02 -1.76
C ALA B 182 -10.65 11.93 -2.42
N PRO B 183 -10.47 10.66 -2.00
CA PRO B 183 -11.21 9.56 -2.66
C PRO B 183 -12.74 9.75 -2.64
N ASP B 184 -13.47 8.99 -3.47
CA ASP B 184 -14.92 9.15 -3.60
C ASP B 184 -15.68 9.08 -2.28
N GLY B 185 -16.60 10.01 -2.08
CA GLY B 185 -17.36 10.07 -0.84
C GLY B 185 -16.62 10.63 0.36
N CYS B 186 -15.47 11.27 0.11
CA CYS B 186 -14.68 11.90 1.18
C CYS B 186 -14.61 13.44 1.09
N GLY B 187 -15.50 14.01 0.28
CA GLY B 187 -15.64 15.47 0.19
C GLY B 187 -14.95 16.12 -0.98
N ASP B 188 -15.27 17.38 -1.24
CA ASP B 188 -14.60 18.17 -2.28
C ASP B 188 -13.36 18.88 -1.69
N GLN B 189 -12.32 18.09 -1.46
CA GLN B 189 -11.08 18.55 -0.86
C GLN B 189 -9.94 17.64 -1.32
N THR B 190 -8.72 17.95 -0.90
CA THR B 190 -7.60 17.10 -1.27
C THR B 190 -7.51 15.92 -0.27
N LEU B 191 -6.71 14.91 -0.59
CA LEU B 191 -6.49 13.81 0.35
C LEU B 191 -5.82 14.39 1.62
N GLY B 192 -4.86 15.30 1.42
CA GLY B 192 -4.28 16.05 2.54
C GLY B 192 -5.30 16.71 3.49
N ASP B 193 -6.30 17.41 2.94
CA ASP B 193 -7.35 18.07 3.76
C ASP B 193 -8.20 17.06 4.54
N LEU B 194 -8.59 15.97 3.88
CA LEU B 194 -9.30 14.89 4.54
C LEU B 194 -8.50 14.35 5.76
N LEU B 195 -7.24 14.00 5.52
CA LEU B 195 -6.41 13.39 6.59
C LEU B 195 -6.11 14.36 7.72
N LEU B 196 -6.13 15.65 7.43
CA LEU B 196 -5.88 16.69 8.45
C LEU B 196 -7.14 17.11 9.23
N THR B 197 -8.32 16.66 8.84
CA THR B 197 -9.57 16.98 9.54
C THR B 197 -9.28 16.95 11.06
N PRO B 198 -9.49 18.11 11.75
CA PRO B 198 -9.21 18.21 13.17
C PRO B 198 -10.06 17.33 14.11
N THR B 199 -9.41 16.83 15.15
CA THR B 199 -10.06 16.10 16.24
C THR B 199 -11.22 16.94 16.80
N ARG B 200 -12.37 16.32 17.00
CA ARG B 200 -13.46 17.00 17.70
C ARG B 200 -13.14 17.26 19.18
N ILE B 201 -13.58 18.43 19.62
CA ILE B 201 -13.47 18.86 20.98
C ILE B 201 -14.78 18.50 21.65
N TYR B 202 -14.71 17.70 22.72
CA TYR B 202 -15.93 17.26 23.44
C TYR B 202 -16.20 17.97 24.73
N SER B 203 -15.26 18.83 25.15
CA SER B 203 -15.24 19.31 26.54
C SER B 203 -16.31 20.32 26.81
N HIS B 204 -16.70 21.08 25.79
CA HIS B 204 -17.79 22.01 25.98
C HIS B 204 -19.16 21.35 25.73
N SER B 205 -19.25 20.52 24.68
CA SER B 205 -20.53 19.88 24.34
C SER B 205 -20.99 18.75 25.27
N LEU B 206 -20.05 18.01 25.86
CA LEU B 206 -20.38 16.84 26.67
C LEU B 206 -20.34 17.05 28.18
N LEU B 207 -19.70 18.15 28.62
CA LEU B 207 -19.72 18.47 30.06
C LEU B 207 -21.12 18.43 30.75
N PRO B 208 -22.17 19.03 30.13
CA PRO B 208 -23.53 18.95 30.67
C PRO B 208 -24.01 17.52 30.92
N VAL B 209 -23.66 16.61 30.01
CA VAL B 209 -24.04 15.21 30.08
C VAL B 209 -23.35 14.55 31.27
N LEU B 210 -22.05 14.77 31.38
CA LEU B 210 -21.27 14.30 32.53
C LEU B 210 -21.80 14.84 33.85
N ARG B 211 -22.29 16.09 33.83
CA ARG B 211 -22.76 16.75 35.04
C ARG B 211 -24.17 16.35 35.50
N SER B 212 -24.83 15.48 34.73
CA SER B 212 -26.09 14.88 35.15
C SER B 212 -25.88 13.94 36.37
N GLY B 213 -24.64 13.49 36.57
CA GLY B 213 -24.28 12.56 37.64
C GLY B 213 -24.63 11.11 37.35
N HIS B 214 -24.96 10.83 36.09
CA HIS B 214 -25.38 9.50 35.70
C HIS B 214 -24.39 8.81 34.75
N VAL B 215 -23.30 9.50 34.38
CA VAL B 215 -22.25 8.85 33.56
C VAL B 215 -21.35 7.97 34.47
N LYS B 216 -21.24 6.68 34.18
CA LYS B 216 -20.46 5.80 35.05
C LYS B 216 -18.99 5.83 34.68
N ALA B 217 -18.70 6.02 33.39
CA ALA B 217 -17.32 6.03 32.87
C ALA B 217 -17.31 6.76 31.52
N PHE B 218 -16.17 7.38 31.21
CA PHE B 218 -15.91 8.06 29.94
C PHE B 218 -14.52 7.60 29.48
N ALA B 219 -14.42 7.12 28.24
CA ALA B 219 -13.12 6.82 27.62
C ALA B 219 -12.98 7.68 26.38
N HIS B 220 -11.87 8.40 26.28
CA HIS B 220 -11.45 9.11 25.04
C HIS B 220 -10.70 8.09 24.19
N ILE B 221 -11.08 7.93 22.91
CA ILE B 221 -10.51 6.87 22.08
C ILE B 221 -9.31 7.44 21.33
N THR B 222 -8.11 7.01 21.73
CA THR B 222 -6.86 7.58 21.24
C THR B 222 -5.96 6.43 20.81
N GLY B 223 -4.69 6.43 21.25
CA GLY B 223 -3.72 5.36 20.90
C GLY B 223 -4.23 3.99 21.27
N GLY B 224 -4.17 3.04 20.35
CA GLY B 224 -4.59 1.70 20.67
C GLY B 224 -6.08 1.52 20.43
N GLY B 225 -6.74 2.56 19.92
CA GLY B 225 -8.12 2.45 19.45
C GLY B 225 -9.13 2.09 20.52
N LEU B 226 -10.24 1.47 20.09
CA LEU B 226 -11.31 0.93 20.96
C LEU B 226 -10.81 -0.19 21.92
N LEU B 227 -9.88 -1.00 21.42
CA LEU B 227 -9.39 -2.14 22.17
C LEU B 227 -8.59 -1.73 23.41
N GLU B 228 -7.74 -0.71 23.30
CA GLU B 228 -6.84 -0.36 24.42
C GLU B 228 -7.46 0.64 25.40
N ASN B 229 -8.31 1.52 24.90
CA ASN B 229 -8.89 2.58 25.73
C ASN B 229 -10.10 2.23 26.59
N ILE B 230 -11.02 1.42 26.08
CA ILE B 230 -12.19 1.04 26.87
C ILE B 230 -11.88 0.28 28.19
N PRO B 231 -10.97 -0.74 28.14
CA PRO B 231 -10.68 -1.48 29.38
C PRO B 231 -10.15 -0.63 30.54
N ARG B 232 -9.50 0.48 30.27
CA ARG B 232 -8.94 1.29 31.37
C ARG B 232 -10.00 1.85 32.30
N VAL B 233 -11.26 1.86 31.85
CA VAL B 233 -12.38 2.41 32.66
C VAL B 233 -13.46 1.39 33.08
N LEU B 234 -13.15 0.11 32.97
CA LEU B 234 -14.10 -0.94 33.33
C LEU B 234 -13.56 -1.71 34.51
N PRO B 235 -14.43 -2.23 35.41
CA PRO B 235 -13.95 -3.15 36.44
C PRO B 235 -13.15 -4.32 35.86
N GLU B 236 -12.15 -4.79 36.61
CA GLU B 236 -11.21 -5.84 36.18
C GLU B 236 -11.94 -7.03 35.56
N LYS B 237 -13.09 -7.37 36.14
CA LYS B 237 -13.88 -8.55 35.78
C LYS B 237 -14.84 -8.38 34.59
N LEU B 238 -14.86 -7.19 33.99
CA LEU B 238 -15.86 -6.92 32.95
C LEU B 238 -15.22 -6.48 31.65
N GLY B 239 -15.86 -6.81 30.51
CA GLY B 239 -15.49 -6.22 29.21
C GLY B 239 -16.68 -5.63 28.46
N VAL B 240 -16.54 -5.38 27.16
CA VAL B 240 -17.65 -4.91 26.34
C VAL B 240 -17.72 -5.65 25.01
N ASP B 241 -18.95 -5.88 24.55
CA ASP B 241 -19.22 -6.40 23.21
C ASP B 241 -19.78 -5.24 22.38
N LEU B 242 -19.03 -4.86 21.35
CA LEU B 242 -19.42 -3.77 20.42
C LEU B 242 -19.81 -4.34 19.05
N ASP B 243 -20.81 -3.70 18.42
CA ASP B 243 -21.24 -4.07 17.06
C ASP B 243 -21.14 -2.84 16.16
N ALA B 244 -20.22 -2.87 15.22
CA ALA B 244 -19.94 -1.73 14.31
C ALA B 244 -21.08 -1.37 13.34
N GLN B 245 -22.08 -2.26 13.19
CA GLN B 245 -23.25 -1.93 12.40
C GLN B 245 -24.16 -0.91 13.09
N THR B 246 -23.90 -0.64 14.37
CA THR B 246 -24.71 0.27 15.14
C THR B 246 -24.23 1.72 15.04
N TRP B 247 -23.02 1.95 14.49
CA TRP B 247 -22.51 3.31 14.33
C TRP B 247 -22.10 3.69 12.91
N ARG B 248 -22.06 5.00 12.63
CA ARG B 248 -21.55 5.44 11.31
C ARG B 248 -20.03 5.51 11.20
N ILE B 249 -19.47 4.78 10.24
CA ILE B 249 -18.03 4.72 10.04
C ILE B 249 -17.64 5.75 8.96
N PRO B 250 -16.92 6.84 9.33
CA PRO B 250 -16.44 7.80 8.31
C PRO B 250 -15.75 7.10 7.14
N ARG B 251 -15.96 7.63 5.93
CA ARG B 251 -15.40 6.98 4.74
C ARG B 251 -13.86 6.92 4.68
N VAL B 252 -13.18 7.80 5.40
CA VAL B 252 -11.71 7.75 5.45
C VAL B 252 -11.23 6.37 5.91
N PHE B 253 -11.94 5.77 6.87
CA PHE B 253 -11.62 4.42 7.35
C PHE B 253 -11.84 3.30 6.36
N SER B 254 -12.94 3.35 5.59
CA SER B 254 -13.14 2.45 4.46
C SER B 254 -12.04 2.59 3.40
N TRP B 255 -11.61 3.81 3.10
CA TRP B 255 -10.51 4.00 2.12
C TRP B 255 -9.19 3.41 2.61
N LEU B 256 -8.85 3.68 3.88
CA LEU B 256 -7.64 3.14 4.51
C LEU B 256 -7.65 1.60 4.58
N GLN B 257 -8.80 1.02 4.95
CA GLN B 257 -8.93 -0.43 5.04
C GLN B 257 -8.66 -1.12 3.70
N GLN B 258 -9.24 -0.61 2.62
CA GLN B 258 -9.08 -1.22 1.30
C GLN B 258 -7.67 -0.98 0.76
N GLU B 259 -7.20 0.27 0.78
CA GLU B 259 -5.84 0.60 0.32
C GLU B 259 -4.74 -0.21 1.05
N GLY B 260 -4.82 -0.26 2.37
CA GLY B 260 -3.84 -0.98 3.17
C GLY B 260 -4.18 -2.44 3.36
N HIS B 261 -5.37 -2.82 2.87
CA HIS B 261 -5.93 -4.18 3.03
C HIS B 261 -5.78 -4.60 4.49
N LEU B 262 -6.34 -3.80 5.37
CA LEU B 262 -6.23 -4.00 6.80
C LEU B 262 -7.29 -4.95 7.35
N SER B 263 -6.90 -5.72 8.37
CA SER B 263 -7.79 -6.67 9.05
C SER B 263 -8.64 -5.96 10.08
N GLU B 264 -9.63 -6.67 10.64
CA GLU B 264 -10.48 -6.13 11.70
C GLU B 264 -9.71 -5.77 12.94
N GLU B 265 -8.81 -6.66 13.36
CA GLU B 265 -7.95 -6.42 14.52
C GLU B 265 -7.06 -5.19 14.35
N GLU B 266 -6.40 -5.05 13.19
CA GLU B 266 -5.52 -3.90 12.98
C GLU B 266 -6.30 -2.58 12.99
N MET B 267 -7.47 -2.54 12.36
CA MET B 267 -8.35 -1.35 12.41
C MET B 267 -8.73 -0.98 13.87
N ALA B 268 -9.18 -1.97 14.62
CA ALA B 268 -9.76 -1.76 15.96
C ALA B 268 -8.69 -1.33 16.98
N ARG B 269 -7.46 -1.80 16.74
CA ARG B 269 -6.25 -1.59 17.51
C ARG B 269 -5.54 -0.24 17.19
N THR B 270 -5.88 0.37 16.04
CA THR B 270 -5.15 1.55 15.56
C THR B 270 -6.01 2.80 15.47
N PHE B 271 -7.25 2.61 15.00
CA PHE B 271 -8.10 3.70 14.58
C PHE B 271 -9.32 3.78 15.47
N ASN B 272 -9.90 4.96 15.60
CA ASN B 272 -11.13 5.10 16.39
C ASN B 272 -12.34 4.52 15.65
N CYS B 273 -12.21 4.40 14.31
CA CYS B 273 -13.22 3.80 13.42
C CYS B 273 -14.60 4.51 13.46
N GLY B 274 -14.63 5.77 13.91
CA GLY B 274 -15.87 6.55 13.93
C GLY B 274 -16.37 6.88 15.32
N VAL B 275 -15.75 6.28 16.32
CA VAL B 275 -16.12 6.48 17.73
C VAL B 275 -14.98 7.22 18.45
N GLY B 276 -15.16 8.53 18.69
CA GLY B 276 -14.14 9.33 19.36
C GLY B 276 -14.13 9.28 20.89
N ALA B 277 -15.27 8.90 21.48
CA ALA B 277 -15.36 8.73 22.92
C ALA B 277 -16.48 7.75 23.23
N VAL B 278 -16.41 7.15 24.42
CA VAL B 278 -17.41 6.15 24.88
C VAL B 278 -17.88 6.52 26.29
N LEU B 279 -19.18 6.33 26.55
CA LEU B 279 -19.81 6.49 27.88
C LEU B 279 -20.39 5.16 28.32
N VAL B 280 -20.27 4.86 29.61
CA VAL B 280 -20.99 3.73 30.21
C VAL B 280 -22.09 4.29 31.11
N VAL B 281 -23.32 3.84 30.85
CA VAL B 281 -24.49 4.28 31.58
C VAL B 281 -25.43 3.10 31.72
N SER B 282 -26.31 3.19 32.70
CA SER B 282 -27.37 2.21 32.92
C SER B 282 -28.36 2.18 31.74
N LYS B 283 -29.05 1.05 31.60
CA LYS B 283 -30.06 0.89 30.55
C LYS B 283 -31.14 1.96 30.67
N GLU B 284 -31.53 2.26 31.92
CA GLU B 284 -32.58 3.25 32.24
C GLU B 284 -32.19 4.66 31.80
N GLN B 285 -30.89 4.94 31.83
CA GLN B 285 -30.32 6.22 31.39
C GLN B 285 -30.16 6.40 29.88
N THR B 286 -30.43 5.37 29.08
CA THR B 286 -30.13 5.46 27.64
C THR B 286 -30.85 6.66 27.00
N GLU B 287 -32.15 6.79 27.23
CA GLU B 287 -32.95 7.87 26.65
C GLU B 287 -32.44 9.29 27.03
N GLN B 288 -32.30 9.57 28.33
CA GLN B 288 -31.81 10.88 28.74
CA GLN B 288 -31.76 10.85 28.83
C GLN B 288 -30.42 11.19 28.19
N ILE B 289 -29.54 10.20 28.15
CA ILE B 289 -28.17 10.40 27.67
C ILE B 289 -28.17 10.70 26.18
N LEU B 290 -28.92 9.91 25.39
CA LEU B 290 -29.00 10.16 23.95
C LEU B 290 -29.59 11.54 23.66
N ARG B 291 -30.66 11.91 24.37
CA ARG B 291 -31.30 13.22 24.21
C ARG B 291 -30.34 14.35 24.56
N GLY B 292 -29.63 14.19 25.68
CA GLY B 292 -28.65 15.17 26.15
C GLY B 292 -27.53 15.42 25.15
N ILE B 293 -26.95 14.34 24.63
CA ILE B 293 -25.95 14.41 23.55
C ILE B 293 -26.50 15.12 22.29
N GLN B 294 -27.70 14.75 21.86
CA GLN B 294 -28.35 15.39 20.69
C GLN B 294 -28.65 16.88 20.89
N GLN B 295 -29.18 17.23 22.07
CA GLN B 295 -29.39 18.64 22.45
C GLN B 295 -28.09 19.46 22.43
N HIS B 296 -26.96 18.81 22.66
CA HIS B 296 -25.68 19.52 22.71
C HIS B 296 -24.87 19.34 21.42
N LYS B 297 -25.58 18.98 20.36
CA LYS B 297 -25.03 19.00 19.01
C LYS B 297 -23.87 18.03 18.78
N GLU B 298 -23.92 16.87 19.46
CA GLU B 298 -23.06 15.74 19.13
C GLU B 298 -23.95 14.61 18.62
N GLU B 299 -23.30 13.64 17.99
CA GLU B 299 -23.96 12.49 17.41
C GLU B 299 -23.49 11.24 18.18
N ALA B 300 -24.41 10.35 18.53
CA ALA B 300 -24.14 9.19 19.38
C ALA B 300 -25.13 8.06 19.12
N TRP B 301 -24.73 6.84 19.51
CA TRP B 301 -25.56 5.64 19.35
C TRP B 301 -25.25 4.72 20.52
N VAL B 302 -26.17 3.81 20.84
CA VAL B 302 -25.85 2.64 21.68
C VAL B 302 -25.01 1.69 20.82
N ILE B 303 -23.76 1.46 21.21
CA ILE B 303 -22.84 0.69 20.35
C ILE B 303 -22.53 -0.70 20.88
N GLY B 304 -22.95 -0.95 22.13
CA GLY B 304 -22.82 -2.27 22.71
C GLY B 304 -23.16 -2.31 24.17
N SER B 305 -22.70 -3.35 24.85
CA SER B 305 -23.00 -3.52 26.27
C SER B 305 -21.83 -4.03 27.11
N VAL B 306 -21.94 -3.82 28.41
CA VAL B 306 -20.98 -4.30 29.39
C VAL B 306 -21.30 -5.77 29.64
N VAL B 307 -20.24 -6.57 29.71
CA VAL B 307 -20.34 -8.00 29.58
C VAL B 307 -19.29 -8.65 30.51
N ALA B 308 -19.60 -9.86 30.98
CA ALA B 308 -18.65 -10.65 31.79
C ALA B 308 -17.43 -11.13 30.99
N ARG B 309 -16.28 -11.27 31.66
CA ARG B 309 -15.08 -11.88 31.07
C ARG B 309 -15.10 -13.41 31.18
N PRO B 314 -10.59 -11.96 24.51
CA PRO B 314 -10.26 -10.53 24.53
C PRO B 314 -11.33 -9.73 25.28
N ARG B 315 -10.88 -8.66 25.96
CA ARG B 315 -11.75 -7.89 26.84
C ARG B 315 -12.76 -7.00 26.09
N VAL B 316 -12.29 -6.38 25.01
CA VAL B 316 -13.15 -5.65 24.10
C VAL B 316 -13.30 -6.42 22.79
N LYS B 317 -14.53 -6.70 22.39
CA LYS B 317 -14.80 -7.35 21.10
C LYS B 317 -15.55 -6.39 20.19
N VAL B 318 -15.04 -6.19 18.98
CA VAL B 318 -15.65 -5.32 17.97
C VAL B 318 -16.10 -6.17 16.76
N LYS B 319 -17.39 -6.46 16.71
CA LYS B 319 -17.98 -7.34 15.69
C LYS B 319 -18.36 -6.53 14.43
N ASN B 320 -18.25 -7.16 13.26
CA ASN B 320 -18.77 -6.63 11.99
C ASN B 320 -18.12 -5.37 11.45
N LEU B 321 -16.89 -5.10 11.91
CA LEU B 321 -16.20 -3.87 11.57
C LEU B 321 -15.94 -3.80 10.07
N ILE B 322 -15.25 -4.82 9.54
CA ILE B 322 -14.85 -4.85 8.12
C ILE B 322 -16.09 -4.95 7.26
N GLU B 323 -17.02 -5.82 7.66
CA GLU B 323 -18.30 -6.02 6.99
C GLU B 323 -19.17 -4.76 7.01
N SER B 324 -19.00 -3.93 8.02
CA SER B 324 -19.79 -2.71 8.15
C SER B 324 -19.13 -1.49 7.45
N MET B 325 -17.81 -1.49 7.27
CA MET B 325 -17.14 -0.40 6.55
C MET B 325 -16.74 -0.81 5.15
S SO4 C . 14.06 -20.58 -27.96
O1 SO4 C . 14.27 -19.33 -27.19
O2 SO4 C . 15.19 -21.46 -27.79
O3 SO4 C . 12.81 -21.20 -27.50
O4 SO4 C . 13.84 -20.32 -29.41
S SO4 D . 0.92 8.15 15.28
O1 SO4 D . 2.06 8.91 14.81
O2 SO4 D . 0.87 6.84 14.60
O3 SO4 D . 1.06 7.78 16.69
O4 SO4 D . -0.35 8.88 15.07
S SO4 E . -27.30 5.57 37.87
O1 SO4 E . -25.83 5.74 37.84
O2 SO4 E . -27.68 4.17 37.90
O3 SO4 E . -27.84 6.23 39.05
O4 SO4 E . -27.86 6.22 36.69
#